data_5OAE
#
_entry.id   5OAE
#
_cell.length_a   78.450
_cell.length_b   84.100
_cell.length_c   89.760
_cell.angle_alpha   90.00
_cell.angle_beta   90.00
_cell.angle_gamma   90.00
#
_symmetry.space_group_name_H-M   'P 21 21 21'
#
loop_
_entity.id
_entity.type
_entity.pdbx_description
1 polymer Tyrosinase
2 non-polymer 'COPPER (II) ION'
3 non-polymer 1-[4-[(4-fluorophenyl)methyl]piperidin-1-yl]ethanone
4 water water
#
_entity_poly.entity_id   1
_entity_poly.type   'polypeptide(L)'
_entity_poly.pdbx_seq_one_letter_code
;KYRVRKNVLHLTDTEKRDFVRTVLILKEKGIYDRYIAWHGAAGKFHTPPGSDRNAAHMSSAFLPWHREYLLRFERDLQSI
NPEVTLPYWEWETDAQMQDPSQSQIWSADFMGGNGNPIKDFIVDTGPFAAGRWTTIDEQGNPSGGLKRNFGATKEAPTLP
TRDDVLNALKITQYDTPPWDMTSQNSFRNQLEGFINGPQLHNRVHRWVGGQMGVVPTAPNDPVFFLHHANVDRIWAVWQI
IHRNQNYQPMKNGPFGQNFRDPMYPWNTTPEDVMNHRKLGYVYDIEL
;
_entity_poly.pdbx_strand_id   A,B
#
# COMPACT_ATOMS: atom_id res chain seq x y z
N LYS A 1 -22.36 -15.79 -8.74
CA LYS A 1 -23.77 -16.11 -8.73
C LYS A 1 -24.09 -17.20 -7.69
N TYR A 2 -23.06 -17.71 -7.04
CA TYR A 2 -23.21 -18.83 -6.12
C TYR A 2 -23.08 -18.37 -4.67
N ARG A 3 -22.64 -17.14 -4.48
CA ARG A 3 -22.42 -16.60 -3.14
C ARG A 3 -23.35 -15.43 -2.86
N VAL A 4 -24.44 -15.71 -2.15
CA VAL A 4 -25.44 -14.69 -1.86
C VAL A 4 -24.96 -13.71 -0.79
N ARG A 5 -25.20 -12.43 -1.03
CA ARG A 5 -24.88 -11.40 -0.06
C ARG A 5 -26.17 -10.82 0.49
N LYS A 6 -26.50 -11.15 1.73
CA LYS A 6 -27.81 -10.80 2.27
C LYS A 6 -27.81 -9.48 3.04
N ASN A 7 -29.00 -9.07 3.46
CA ASN A 7 -29.21 -7.88 4.26
C ASN A 7 -29.07 -8.19 5.74
N VAL A 8 -28.53 -7.25 6.50
CA VAL A 8 -28.26 -7.46 7.93
C VAL A 8 -29.55 -7.82 8.67
N LEU A 9 -30.65 -7.20 8.27
CA LEU A 9 -31.94 -7.45 8.90
C LEU A 9 -32.48 -8.84 8.54
N HIS A 10 -31.98 -9.40 7.45
CA HIS A 10 -32.43 -10.72 7.01
C HIS A 10 -31.47 -11.81 7.43
N LEU A 11 -30.63 -11.51 8.42
CA LEU A 11 -29.66 -12.48 8.93
C LEU A 11 -30.15 -13.19 10.18
N THR A 12 -29.82 -14.47 10.29
CA THR A 12 -30.19 -15.25 11.47
C THR A 12 -29.27 -14.92 12.64
N ASP A 13 -29.60 -15.45 13.81
CA ASP A 13 -28.75 -15.25 14.99
C ASP A 13 -27.44 -16.01 14.84
N THR A 14 -27.52 -17.15 14.14
CA THR A 14 -26.33 -17.96 13.88
C THR A 14 -25.42 -17.30 12.86
N GLU A 15 -26.02 -16.73 11.83
CA GLU A 15 -25.26 -16.07 10.77
C GLU A 15 -24.53 -14.83 11.27
N LYS A 16 -25.16 -14.09 12.18
CA LYS A 16 -24.53 -12.92 12.79
C LYS A 16 -23.36 -13.33 13.67
N ARG A 17 -23.57 -14.39 14.44
CA ARG A 17 -22.57 -14.89 15.38
C ARG A 17 -21.33 -15.40 14.64
N ASP A 18 -21.57 -16.16 13.58
CA ASP A 18 -20.48 -16.74 12.79
C ASP A 18 -19.67 -15.68 12.06
N PHE A 19 -20.37 -14.64 11.59
CA PHE A 19 -19.72 -13.55 10.87
C PHE A 19 -18.78 -12.76 11.80
N VAL A 20 -19.31 -12.34 12.94
CA VAL A 20 -18.56 -11.57 13.92
C VAL A 20 -17.30 -12.29 14.37
N ARG A 21 -17.43 -13.58 14.69
CA ARG A 21 -16.31 -14.36 15.17
C ARG A 21 -15.24 -14.49 14.08
N THR A 22 -15.69 -14.58 12.84
CA THR A 22 -14.78 -14.72 11.70
C THR A 22 -13.97 -13.46 11.52
N VAL A 23 -14.59 -12.31 11.79
CA VAL A 23 -13.90 -11.03 11.70
C VAL A 23 -12.85 -10.93 12.79
N LEU A 24 -13.18 -11.45 13.97
CA LEU A 24 -12.27 -11.43 15.12
C LEU A 24 -11.07 -12.33 14.89
N ILE A 25 -11.27 -13.40 14.11
CA ILE A 25 -10.19 -14.32 13.78
C ILE A 25 -9.19 -13.65 12.85
N LEU A 26 -9.70 -13.00 11.81
CA LEU A 26 -8.84 -12.27 10.88
C LEU A 26 -8.05 -11.17 11.59
N LYS A 27 -8.69 -10.54 12.58
CA LYS A 27 -8.05 -9.49 13.36
C LYS A 27 -6.89 -10.03 14.18
N GLU A 28 -7.11 -11.19 14.80
CA GLU A 28 -6.10 -11.80 15.66
C GLU A 28 -4.92 -12.33 14.84
N LYS A 29 -5.21 -12.79 13.62
CA LYS A 29 -4.18 -13.33 12.73
C LYS A 29 -3.30 -12.21 12.19
N GLY A 30 -3.86 -11.01 12.12
CA GLY A 30 -3.13 -9.86 11.61
C GLY A 30 -3.49 -9.53 10.18
N ILE A 31 -4.48 -10.23 9.63
CA ILE A 31 -4.89 -10.01 8.24
C ILE A 31 -5.76 -8.77 8.12
N TYR A 32 -6.58 -8.52 9.14
CA TYR A 32 -7.49 -7.38 9.14
C TYR A 32 -6.75 -6.05 9.02
N ASP A 33 -5.59 -5.96 9.67
CA ASP A 33 -4.80 -4.73 9.67
C ASP A 33 -4.29 -4.37 8.28
N ARG A 34 -4.17 -5.38 7.42
CA ARG A 34 -3.73 -5.18 6.03
C ARG A 34 -4.71 -4.31 5.25
N TYR A 35 -6.00 -4.52 5.49
CA TYR A 35 -7.05 -3.77 4.80
C TYR A 35 -7.12 -2.33 5.30
N ILE A 36 -6.96 -2.13 6.60
CA ILE A 36 -6.91 -0.79 7.16
C ILE A 36 -5.76 -0.01 6.52
N ALA A 37 -4.63 -0.68 6.39
CA ALA A 37 -3.44 -0.06 5.81
C ALA A 37 -3.60 0.20 4.31
N TRP A 38 -4.12 -0.80 3.59
CA TRP A 38 -4.37 -0.69 2.16
C TRP A 38 -5.26 0.50 1.82
N HIS A 39 -6.31 0.67 2.61
CA HIS A 39 -7.28 1.74 2.42
C HIS A 39 -6.64 3.11 2.64
N GLY A 40 -5.87 3.23 3.70
CA GLY A 40 -5.17 4.46 4.01
C GLY A 40 -4.06 4.78 3.03
N ALA A 41 -3.38 3.74 2.56
CA ALA A 41 -2.27 3.92 1.63
C ALA A 41 -2.74 4.45 0.28
N ALA A 42 -3.90 3.99 -0.17
CA ALA A 42 -4.46 4.43 -1.44
C ALA A 42 -4.98 5.86 -1.33
N GLY A 43 -5.34 6.25 -0.11
CA GLY A 43 -5.88 7.58 0.13
C GLY A 43 -4.83 8.67 0.01
N LYS A 44 -3.57 8.27 -0.01
CA LYS A 44 -2.46 9.22 -0.16
C LYS A 44 -1.72 9.01 -1.47
N PHE A 45 -2.27 8.14 -2.32
CA PHE A 45 -1.73 7.94 -3.66
C PHE A 45 -2.51 8.81 -4.64
N HIS A 46 -2.03 10.03 -4.86
CA HIS A 46 -2.76 11.01 -5.66
C HIS A 46 -2.57 10.79 -7.16
N THR A 47 -3.67 10.87 -7.91
CA THR A 47 -3.65 10.64 -9.35
C THR A 47 -4.18 11.83 -10.13
N PRO A 48 -3.28 12.72 -10.59
CA PRO A 48 -1.83 12.65 -10.34
C PRO A 48 -1.43 13.40 -9.07
N PRO A 49 -0.16 13.31 -8.67
CA PRO A 49 0.29 14.11 -7.53
C PRO A 49 0.03 15.60 -7.74
N GLY A 50 -0.59 16.24 -6.76
CA GLY A 50 -0.95 17.64 -6.87
C GLY A 50 -2.46 17.83 -6.85
N SER A 51 -3.17 16.87 -7.43
CA SER A 51 -4.63 16.89 -7.46
C SER A 51 -5.24 16.35 -6.18
N ASP A 52 -6.56 16.47 -6.06
CA ASP A 52 -7.28 15.98 -4.88
C ASP A 52 -7.77 14.55 -5.09
N ARG A 53 -7.57 14.02 -6.29
CA ARG A 53 -7.92 12.63 -6.60
C ARG A 53 -6.90 11.63 -6.07
N ASN A 54 -7.37 10.61 -5.37
CA ASN A 54 -6.50 9.53 -4.90
C ASN A 54 -6.97 8.20 -5.49
N ALA A 55 -6.20 7.15 -5.24
CA ALA A 55 -6.44 5.86 -5.88
C ALA A 55 -7.79 5.24 -5.51
N ALA A 56 -8.30 5.58 -4.33
CA ALA A 56 -9.51 4.93 -3.81
C ALA A 56 -10.70 5.87 -3.69
N HIS A 57 -10.46 7.17 -3.70
CA HIS A 57 -11.56 8.12 -3.46
C HIS A 57 -11.49 9.37 -4.34
N MET A 58 -12.60 10.11 -4.34
CA MET A 58 -12.71 11.40 -5.04
C MET A 58 -12.44 11.31 -6.53
N SER A 59 -12.58 10.11 -7.10
CA SER A 59 -12.36 9.92 -8.53
C SER A 59 -13.15 8.72 -9.05
N SER A 60 -13.03 8.47 -10.35
CA SER A 60 -13.81 7.44 -11.03
C SER A 60 -13.53 6.03 -10.51
N ALA A 61 -12.35 5.83 -9.94
CA ALA A 61 -11.97 4.50 -9.46
C ALA A 61 -12.51 4.22 -8.07
N PHE A 62 -13.35 5.10 -7.55
CA PHE A 62 -13.89 4.93 -6.20
C PHE A 62 -14.70 3.65 -6.06
N LEU A 63 -15.54 3.36 -7.05
CA LEU A 63 -16.41 2.20 -6.99
C LEU A 63 -15.69 0.87 -7.26
N PRO A 64 -14.88 0.79 -8.35
CA PRO A 64 -14.24 -0.52 -8.57
C PRO A 64 -13.21 -0.86 -7.50
N TRP A 65 -12.56 0.16 -6.93
CA TRP A 65 -11.54 -0.06 -5.91
C TRP A 65 -12.15 -0.79 -4.72
N HIS A 66 -13.25 -0.25 -4.21
CA HIS A 66 -13.90 -0.80 -3.04
C HIS A 66 -14.58 -2.14 -3.34
N ARG A 67 -14.94 -2.36 -4.60
CA ARG A 67 -15.51 -3.65 -4.99
C ARG A 67 -14.44 -4.73 -4.89
N GLU A 68 -13.25 -4.43 -5.40
CA GLU A 68 -12.11 -5.32 -5.28
C GLU A 68 -11.67 -5.43 -3.81
N TYR A 69 -11.74 -4.30 -3.11
CA TYR A 69 -11.41 -4.25 -1.68
C TYR A 69 -12.28 -5.22 -0.88
N LEU A 70 -13.60 -5.11 -1.06
CA LEU A 70 -14.55 -6.00 -0.40
C LEU A 70 -14.42 -7.45 -0.88
N LEU A 71 -14.08 -7.61 -2.15
CA LEU A 71 -13.90 -8.94 -2.73
C LEU A 71 -12.78 -9.70 -2.03
N ARG A 72 -11.61 -9.09 -1.96
CA ARG A 72 -10.46 -9.67 -1.27
C ARG A 72 -10.80 -9.98 0.18
N PHE A 73 -11.52 -9.06 0.81
CA PHE A 73 -11.92 -9.23 2.19
C PHE A 73 -12.83 -10.44 2.37
N GLU A 74 -13.84 -10.56 1.52
CA GLU A 74 -14.79 -11.67 1.57
C GLU A 74 -14.10 -13.02 1.36
N ARG A 75 -13.04 -13.02 0.56
CA ARG A 75 -12.27 -14.23 0.33
C ARG A 75 -11.51 -14.66 1.58
N ASP A 76 -11.03 -13.68 2.35
CA ASP A 76 -10.29 -13.99 3.57
C ASP A 76 -11.23 -14.52 4.65
N LEU A 77 -12.50 -14.16 4.57
CA LEU A 77 -13.52 -14.74 5.45
C LEU A 77 -13.68 -16.23 5.18
N GLN A 78 -13.74 -16.58 3.89
CA GLN A 78 -14.00 -17.96 3.50
C GLN A 78 -12.77 -18.85 3.66
N SER A 79 -11.61 -18.22 3.84
CA SER A 79 -10.41 -18.98 4.17
C SER A 79 -10.55 -19.54 5.58
N ILE A 80 -11.39 -18.89 6.39
CA ILE A 80 -11.71 -19.35 7.74
C ILE A 80 -12.98 -20.20 7.74
N ASN A 81 -14.05 -19.60 7.23
CA ASN A 81 -15.35 -20.25 7.12
C ASN A 81 -15.86 -20.08 5.69
N PRO A 82 -15.89 -21.18 4.95
CA PRO A 82 -16.35 -21.15 3.55
C PRO A 82 -17.85 -20.91 3.37
N GLU A 83 -18.58 -20.75 4.46
CA GLU A 83 -20.01 -20.51 4.39
C GLU A 83 -20.33 -19.04 4.67
N VAL A 84 -19.40 -18.34 5.30
CA VAL A 84 -19.59 -16.94 5.66
C VAL A 84 -19.44 -16.03 4.43
N THR A 85 -20.44 -15.18 4.21
CA THR A 85 -20.38 -14.17 3.16
C THR A 85 -20.60 -12.79 3.76
N LEU A 86 -20.20 -11.75 3.04
CA LEU A 86 -20.28 -10.39 3.55
C LEU A 86 -21.66 -9.80 3.39
N PRO A 87 -22.33 -9.47 4.51
CA PRO A 87 -23.66 -8.86 4.45
C PRO A 87 -23.56 -7.37 4.14
N TYR A 88 -24.69 -6.72 3.90
CA TYR A 88 -24.70 -5.29 3.63
C TYR A 88 -25.66 -4.55 4.56
N TRP A 89 -25.32 -3.31 4.86
CA TRP A 89 -26.13 -2.49 5.76
C TRP A 89 -26.99 -1.54 4.93
N GLU A 90 -28.28 -1.85 4.83
CA GLU A 90 -29.21 -1.01 4.09
C GLU A 90 -29.56 0.24 4.88
N TRP A 91 -28.67 1.22 4.86
CA TRP A 91 -28.85 2.43 5.66
C TRP A 91 -30.05 3.29 5.22
N GLU A 92 -30.56 3.04 4.01
CA GLU A 92 -31.68 3.83 3.50
C GLU A 92 -33.00 3.46 4.17
N THR A 93 -33.12 2.21 4.62
CA THR A 93 -34.33 1.78 5.30
C THR A 93 -34.30 2.18 6.77
N ASP A 94 -33.09 2.23 7.33
CA ASP A 94 -32.92 2.66 8.71
C ASP A 94 -33.31 4.13 8.86
N ALA A 95 -33.16 4.89 7.77
CA ALA A 95 -33.54 6.30 7.77
C ALA A 95 -35.04 6.48 7.98
N GLN A 96 -35.81 5.46 7.63
CA GLN A 96 -37.27 5.50 7.80
C GLN A 96 -37.68 5.51 9.26
N MET A 97 -36.86 4.90 10.10
CA MET A 97 -37.10 4.84 11.54
C MET A 97 -37.10 6.23 12.16
N GLN A 98 -37.72 6.35 13.32
CA GLN A 98 -37.69 7.61 14.04
C GLN A 98 -36.28 7.89 14.56
N ASP A 99 -35.63 6.85 15.05
CA ASP A 99 -34.25 6.93 15.54
C ASP A 99 -33.48 5.77 14.93
N PRO A 100 -32.62 6.07 13.97
CA PRO A 100 -31.82 5.03 13.31
C PRO A 100 -30.85 4.37 14.27
N SER A 101 -30.42 5.11 15.29
CA SER A 101 -29.49 4.58 16.29
C SER A 101 -30.11 3.43 17.07
N GLN A 102 -31.28 2.98 16.63
CA GLN A 102 -31.97 1.87 17.29
C GLN A 102 -32.06 0.64 16.42
N SER A 103 -31.39 0.67 15.27
CA SER A 103 -31.40 -0.46 14.35
C SER A 103 -30.80 -1.69 14.99
N GLN A 104 -31.34 -2.86 14.63
CA GLN A 104 -30.86 -4.12 15.17
C GLN A 104 -29.40 -4.39 14.83
N ILE A 105 -28.85 -3.59 13.92
CA ILE A 105 -27.45 -3.72 13.54
C ILE A 105 -26.52 -3.21 14.63
N TRP A 106 -27.05 -2.37 15.51
CA TRP A 106 -26.25 -1.78 16.56
C TRP A 106 -26.42 -2.50 17.90
N SER A 107 -26.77 -3.78 17.83
CA SER A 107 -26.95 -4.59 19.02
C SER A 107 -25.63 -5.20 19.47
N ALA A 108 -25.57 -5.62 20.73
CA ALA A 108 -24.34 -6.13 21.32
C ALA A 108 -23.86 -7.44 20.70
N ASP A 109 -24.74 -8.11 19.96
CA ASP A 109 -24.38 -9.39 19.36
C ASP A 109 -23.87 -9.21 17.92
N PHE A 110 -23.79 -7.98 17.46
CA PHE A 110 -23.32 -7.71 16.11
C PHE A 110 -22.20 -6.67 16.06
N MET A 111 -22.55 -5.40 15.99
CA MET A 111 -21.57 -4.34 15.82
C MET A 111 -21.44 -3.47 17.07
N GLY A 112 -22.31 -3.71 18.04
CA GLY A 112 -22.34 -2.90 19.24
C GLY A 112 -23.04 -1.58 19.00
N GLY A 113 -23.18 -0.79 20.05
CA GLY A 113 -23.95 0.45 19.96
C GLY A 113 -23.12 1.69 19.75
N ASN A 114 -23.69 2.83 20.12
CA ASN A 114 -23.05 4.13 19.97
C ASN A 114 -21.91 4.32 20.97
N GLY A 115 -21.19 5.42 20.83
CA GLY A 115 -20.09 5.75 21.73
C GLY A 115 -20.50 6.30 23.08
N ASN A 116 -19.56 6.25 24.03
CA ASN A 116 -19.76 6.76 25.39
C ASN A 116 -19.23 8.18 25.57
N PRO A 117 -20.13 9.17 25.63
CA PRO A 117 -19.77 10.58 25.81
C PRO A 117 -18.87 10.83 27.02
N ILE A 118 -18.98 9.97 28.03
CA ILE A 118 -18.13 10.09 29.21
C ILE A 118 -16.68 9.76 28.88
N LYS A 119 -16.48 8.75 28.03
CA LYS A 119 -15.13 8.31 27.67
C LYS A 119 -14.78 8.64 26.23
N ASP A 120 -14.98 9.91 25.84
CA ASP A 120 -14.63 10.40 24.51
C ASP A 120 -15.25 9.58 23.38
N PHE A 121 -16.48 9.13 23.60
CA PHE A 121 -17.27 8.40 22.61
C PHE A 121 -16.66 7.04 22.24
N ILE A 122 -15.92 6.45 23.17
CA ILE A 122 -15.41 5.09 23.01
C ILE A 122 -16.55 4.09 23.11
N VAL A 123 -16.61 3.17 22.14
CA VAL A 123 -17.63 2.13 22.12
C VAL A 123 -17.44 1.12 23.26
N ASP A 124 -18.47 0.95 24.07
CA ASP A 124 -18.41 0.06 25.24
C ASP A 124 -19.41 -1.09 25.14
N THR A 125 -20.02 -1.27 23.97
CA THR A 125 -20.97 -2.37 23.76
C THR A 125 -20.61 -3.17 22.52
N GLY A 126 -20.97 -4.44 22.53
CA GLY A 126 -20.73 -5.31 21.41
C GLY A 126 -19.37 -6.01 21.45
N PRO A 127 -19.06 -6.77 20.39
CA PRO A 127 -17.81 -7.55 20.30
C PRO A 127 -16.62 -6.70 19.89
N PHE A 128 -16.85 -5.45 19.51
CA PHE A 128 -15.78 -4.58 19.06
C PHE A 128 -15.59 -3.39 19.99
N ALA A 129 -15.80 -3.61 21.28
CA ALA A 129 -15.62 -2.57 22.27
C ALA A 129 -14.17 -2.51 22.71
N ALA A 130 -13.81 -1.44 23.42
CA ALA A 130 -12.44 -1.30 23.91
C ALA A 130 -12.09 -2.44 24.85
N GLY A 131 -10.98 -3.10 24.58
CA GLY A 131 -10.55 -4.24 25.39
C GLY A 131 -10.78 -5.55 24.68
N ARG A 132 -11.67 -5.51 23.68
CA ARG A 132 -11.96 -6.69 22.86
C ARG A 132 -11.58 -6.40 21.42
N TRP A 133 -11.16 -5.16 21.17
CA TRP A 133 -10.87 -4.72 19.82
C TRP A 133 -9.88 -3.55 19.85
N THR A 134 -8.69 -3.79 19.31
CA THR A 134 -7.65 -2.77 19.27
C THR A 134 -7.65 -2.08 17.92
N THR A 135 -7.53 -0.75 17.93
CA THR A 135 -7.52 0.02 16.69
C THR A 135 -6.18 0.72 16.46
N ILE A 136 -5.90 1.08 15.21
CA ILE A 136 -4.68 1.80 14.87
C ILE A 136 -5.01 3.16 14.26
N ASP A 137 -4.02 4.06 14.23
CA ASP A 137 -4.25 5.40 13.71
C ASP A 137 -3.71 5.54 12.29
N GLU A 138 -3.48 6.77 11.87
CA GLU A 138 -2.98 7.08 10.54
C GLU A 138 -1.57 6.54 10.35
N GLN A 139 -0.74 6.73 11.37
CA GLN A 139 0.67 6.36 11.30
C GLN A 139 0.91 4.86 11.49
N GLY A 140 -0.15 4.12 11.77
CA GLY A 140 -0.05 2.68 11.96
C GLY A 140 0.21 2.29 13.40
N ASN A 141 0.07 3.25 14.31
CA ASN A 141 0.26 2.99 15.74
C ASN A 141 -1.08 2.80 16.46
N PRO A 142 -1.09 2.04 17.56
CA PRO A 142 -2.32 1.82 18.33
C PRO A 142 -2.99 3.14 18.71
N SER A 143 -4.32 3.17 18.69
CA SER A 143 -5.05 4.41 18.94
C SER A 143 -5.87 4.32 20.23
N GLY A 144 -6.20 3.10 20.65
CA GLY A 144 -6.83 2.91 21.94
C GLY A 144 -8.33 2.70 21.98
N GLY A 145 -8.89 2.14 20.91
CA GLY A 145 -10.31 1.80 20.95
C GLY A 145 -11.14 2.40 19.84
N LEU A 146 -12.30 1.81 19.63
CA LEU A 146 -13.23 2.25 18.58
C LEU A 146 -14.14 3.36 19.06
N LYS A 147 -14.41 4.32 18.18
CA LYS A 147 -15.27 5.45 18.51
C LYS A 147 -16.48 5.49 17.59
N ARG A 148 -17.57 6.08 18.07
CA ARG A 148 -18.81 6.18 17.29
C ARG A 148 -19.60 7.36 17.87
N ASN A 149 -20.13 8.19 16.98
CA ASN A 149 -20.91 9.35 17.34
C ASN A 149 -22.02 9.52 16.31
N PHE A 150 -23.13 8.84 16.53
CA PHE A 150 -24.27 8.86 15.61
C PHE A 150 -25.05 10.17 15.51
N GLY A 151 -25.00 10.77 14.33
CA GLY A 151 -25.72 11.99 14.03
C GLY A 151 -25.38 13.19 14.89
N ALA A 152 -24.09 13.35 15.20
CA ALA A 152 -23.65 14.47 16.03
C ALA A 152 -23.06 15.59 15.20
N THR A 153 -23.26 15.52 13.88
CA THR A 153 -22.70 16.51 12.98
C THR A 153 -23.82 17.33 12.34
N LYS A 154 -23.54 18.61 12.08
CA LYS A 154 -24.54 19.50 11.52
C LYS A 154 -24.86 19.16 10.06
N GLU A 155 -23.83 18.79 9.30
CA GLU A 155 -24.00 18.44 7.90
C GLU A 155 -24.39 16.98 7.64
N ALA A 156 -24.65 16.21 8.70
CA ALA A 156 -25.03 14.84 8.54
C ALA A 156 -25.64 14.35 9.82
N PRO A 157 -26.71 15.00 10.23
CA PRO A 157 -27.35 14.54 11.47
C PRO A 157 -28.24 13.33 11.23
N THR A 158 -28.53 13.04 9.97
CA THR A 158 -29.40 11.93 9.61
C THR A 158 -28.81 11.09 8.49
N LEU A 159 -29.24 9.83 8.41
CA LEU A 159 -28.81 8.96 7.33
C LEU A 159 -29.56 9.31 6.05
N PRO A 160 -28.94 9.03 4.89
CA PRO A 160 -29.63 9.28 3.62
C PRO A 160 -30.85 8.36 3.42
N THR A 161 -31.79 8.83 2.60
CA THR A 161 -33.07 8.14 2.41
C THR A 161 -33.14 7.33 1.13
N ARG A 162 -34.25 6.62 0.96
CA ARG A 162 -34.48 5.83 -0.24
C ARG A 162 -34.55 6.70 -1.48
N ASP A 163 -35.11 7.89 -1.35
CA ASP A 163 -35.23 8.80 -2.48
C ASP A 163 -33.85 9.30 -2.94
N ASP A 164 -32.93 9.41 -1.99
CA ASP A 164 -31.56 9.78 -2.33
C ASP A 164 -30.94 8.70 -3.20
N VAL A 165 -31.25 7.45 -2.85
CA VAL A 165 -30.77 6.30 -3.61
C VAL A 165 -31.44 6.24 -4.98
N LEU A 166 -32.75 6.44 -5.00
CA LEU A 166 -33.51 6.41 -6.25
C LEU A 166 -33.00 7.48 -7.22
N ASN A 167 -32.98 8.72 -6.75
CA ASN A 167 -32.51 9.84 -7.56
C ASN A 167 -31.11 9.64 -8.12
N ALA A 168 -30.30 8.84 -7.43
CA ALA A 168 -28.95 8.55 -7.88
C ALA A 168 -28.98 7.51 -8.99
N LEU A 169 -29.95 6.60 -8.93
CA LEU A 169 -30.07 5.55 -9.93
C LEU A 169 -30.67 6.09 -11.23
N LYS A 170 -31.19 7.32 -11.17
CA LYS A 170 -31.81 7.92 -12.36
C LYS A 170 -30.75 8.57 -13.25
N ILE A 171 -29.53 8.69 -12.74
CA ILE A 171 -28.45 9.31 -13.51
C ILE A 171 -27.94 8.37 -14.61
N THR A 172 -27.72 8.94 -15.79
CA THR A 172 -27.36 8.18 -16.98
C THR A 172 -25.86 7.93 -17.12
N GLN A 173 -25.07 8.99 -16.94
CA GLN A 173 -23.61 8.88 -17.09
C GLN A 173 -23.01 8.25 -15.84
N TYR A 174 -22.02 7.37 -16.03
CA TYR A 174 -21.30 6.79 -14.90
C TYR A 174 -20.49 7.85 -14.18
N ASP A 175 -19.74 8.63 -14.97
CA ASP A 175 -18.94 9.72 -14.43
C ASP A 175 -18.67 10.72 -15.56
N THR A 176 -18.25 11.92 -15.18
CA THR A 176 -18.01 12.99 -16.14
C THR A 176 -16.70 13.70 -15.83
N PRO A 177 -16.06 14.29 -16.86
CA PRO A 177 -14.82 15.04 -16.61
C PRO A 177 -15.08 16.23 -15.67
N PRO A 178 -14.06 16.64 -14.89
CA PRO A 178 -12.71 16.07 -14.85
C PRO A 178 -12.55 14.86 -13.92
N TRP A 179 -13.54 13.96 -13.94
CA TRP A 179 -13.50 12.73 -13.16
C TRP A 179 -13.05 12.90 -11.72
N ASP A 180 -13.65 13.85 -11.01
CA ASP A 180 -13.26 14.08 -9.62
C ASP A 180 -14.39 14.50 -8.69
N MET A 181 -14.00 15.20 -7.64
CA MET A 181 -14.90 15.66 -6.59
C MET A 181 -15.91 16.69 -7.11
N THR A 182 -15.59 17.34 -8.22
CA THR A 182 -16.43 18.40 -8.75
C THR A 182 -17.24 17.96 -9.98
N SER A 183 -17.23 16.66 -10.26
CA SER A 183 -17.95 16.12 -11.40
C SER A 183 -19.46 16.30 -11.25
N GLN A 184 -20.10 16.82 -12.30
CA GLN A 184 -21.55 17.01 -12.30
C GLN A 184 -22.23 15.97 -13.19
N ASN A 185 -23.49 15.67 -12.88
CA ASN A 185 -24.25 14.65 -13.59
C ASN A 185 -23.52 13.31 -13.63
N SER A 186 -23.02 12.89 -12.48
CA SER A 186 -22.21 11.67 -12.39
C SER A 186 -22.75 10.73 -11.32
N PHE A 187 -23.08 9.51 -11.71
CA PHE A 187 -23.55 8.51 -10.76
C PHE A 187 -22.48 8.20 -9.71
N ARG A 188 -21.23 8.16 -10.16
CA ARG A 188 -20.10 7.91 -9.28
C ARG A 188 -20.01 8.99 -8.20
N ASN A 189 -19.97 10.24 -8.64
CA ASN A 189 -19.85 11.37 -7.73
C ASN A 189 -21.09 11.51 -6.87
N GLN A 190 -22.24 11.14 -7.42
CA GLN A 190 -23.49 11.19 -6.68
C GLN A 190 -23.50 10.15 -5.57
N LEU A 191 -23.23 8.90 -5.94
CA LEU A 191 -23.25 7.79 -4.99
C LEU A 191 -22.15 7.96 -3.94
N GLU A 192 -21.01 8.50 -4.35
CA GLU A 192 -19.93 8.78 -3.43
C GLU A 192 -20.41 9.81 -2.41
N GLY A 193 -20.88 10.96 -2.90
CA GLY A 193 -21.56 11.90 -2.04
C GLY A 193 -21.00 13.30 -2.01
N PHE A 194 -20.42 13.75 -3.12
CA PHE A 194 -19.85 15.09 -3.17
C PHE A 194 -20.83 16.09 -3.79
N ILE A 195 -21.91 15.58 -4.36
CA ILE A 195 -22.97 16.44 -4.88
C ILE A 195 -23.79 16.98 -3.71
N ASN A 196 -23.58 18.25 -3.37
CA ASN A 196 -24.12 18.84 -2.16
C ASN A 196 -23.78 18.00 -0.94
N GLY A 197 -22.50 17.64 -0.81
CA GLY A 197 -22.11 16.72 0.23
C GLY A 197 -22.17 17.32 1.63
N PRO A 198 -22.09 16.45 2.63
CA PRO A 198 -21.96 15.01 2.41
C PRO A 198 -23.31 14.35 2.15
N GLN A 199 -23.35 13.40 1.25
CA GLN A 199 -24.59 12.69 0.98
C GLN A 199 -24.32 11.24 0.67
N LEU A 200 -25.32 10.40 0.83
CA LEU A 200 -25.21 8.96 0.59
C LEU A 200 -23.99 8.35 1.30
N HIS A 201 -23.09 7.75 0.52
CA HIS A 201 -21.87 7.13 1.05
C HIS A 201 -21.10 8.05 2.00
N ASN A 202 -20.85 9.28 1.57
CA ASN A 202 -20.10 10.23 2.38
C ASN A 202 -20.84 10.63 3.66
N ARG A 203 -22.16 10.72 3.56
CA ARG A 203 -22.99 11.09 4.69
C ARG A 203 -23.02 10.01 5.75
N VAL A 204 -23.05 8.74 5.31
CA VAL A 204 -23.04 7.61 6.22
C VAL A 204 -21.78 7.59 7.07
N HIS A 205 -20.63 7.88 6.44
CA HIS A 205 -19.37 7.95 7.16
C HIS A 205 -19.44 9.00 8.25
N ARG A 206 -19.82 10.22 7.87
CA ARG A 206 -19.91 11.33 8.81
C ARG A 206 -20.95 11.11 9.90
N TRP A 207 -22.01 10.38 9.56
CA TRP A 207 -23.08 10.11 10.51
C TRP A 207 -22.60 9.22 11.65
N VAL A 208 -21.93 8.13 11.30
CA VAL A 208 -21.43 7.18 12.30
C VAL A 208 -20.41 7.83 13.22
N GLY A 209 -19.55 8.67 12.66
CA GLY A 209 -18.55 9.37 13.44
C GLY A 209 -17.41 8.45 13.89
N GLY A 210 -16.60 8.95 14.81
CA GLY A 210 -15.44 8.20 15.28
C GLY A 210 -14.46 7.97 14.15
N GLN A 211 -13.91 6.75 14.08
CA GLN A 211 -12.96 6.42 13.03
C GLN A 211 -13.60 6.46 11.65
N MET A 212 -14.91 6.22 11.60
CA MET A 212 -15.63 6.24 10.34
C MET A 212 -15.75 7.66 9.78
N GLY A 213 -15.39 8.65 10.59
CA GLY A 213 -15.53 10.04 10.17
C GLY A 213 -14.41 10.49 9.27
N VAL A 214 -13.27 9.80 9.32
CA VAL A 214 -12.13 10.15 8.48
C VAL A 214 -11.69 8.96 7.62
N VAL A 215 -11.06 9.27 6.49
CA VAL A 215 -10.67 8.23 5.52
C VAL A 215 -9.64 7.20 6.02
N PRO A 216 -8.48 7.65 6.56
CA PRO A 216 -7.44 6.66 6.82
C PRO A 216 -7.74 5.66 7.94
N THR A 217 -8.65 5.99 8.85
CA THR A 217 -8.94 5.11 9.99
C THR A 217 -10.32 4.46 9.92
N ALA A 218 -11.07 4.76 8.86
CA ALA A 218 -12.43 4.24 8.69
C ALA A 218 -12.56 2.71 8.80
N PRO A 219 -11.62 1.95 8.19
CA PRO A 219 -11.81 0.49 8.30
C PRO A 219 -11.59 -0.08 9.70
N ASN A 220 -11.27 0.76 10.67
CA ASN A 220 -11.12 0.30 12.05
C ASN A 220 -12.46 -0.18 12.60
N ASP A 221 -13.55 0.36 12.04
CA ASP A 221 -14.90 -0.05 12.42
C ASP A 221 -15.39 -1.09 11.41
N PRO A 222 -15.69 -2.31 11.88
CA PRO A 222 -16.17 -3.39 11.02
C PRO A 222 -17.45 -3.07 10.25
N VAL A 223 -18.13 -1.99 10.62
CA VAL A 223 -19.33 -1.58 9.91
C VAL A 223 -18.96 -0.96 8.56
N PHE A 224 -17.68 -0.64 8.39
CA PHE A 224 -17.15 -0.08 7.16
C PHE A 224 -17.39 -1.03 5.98
N PHE A 225 -17.32 -2.32 6.27
CA PHE A 225 -17.44 -3.34 5.23
C PHE A 225 -18.90 -3.61 4.86
N LEU A 226 -19.79 -3.49 5.84
CA LEU A 226 -21.22 -3.69 5.58
C LEU A 226 -21.78 -2.46 4.88
N HIS A 227 -21.16 -1.32 5.13
CA HIS A 227 -21.57 -0.06 4.53
C HIS A 227 -21.21 -0.02 3.05
N HIS A 228 -19.98 -0.40 2.72
CA HIS A 228 -19.54 -0.41 1.33
C HIS A 228 -20.15 -1.56 0.54
N ALA A 229 -20.58 -2.60 1.25
CA ALA A 229 -21.30 -3.69 0.62
C ALA A 229 -22.65 -3.20 0.11
N ASN A 230 -23.22 -2.22 0.82
CA ASN A 230 -24.45 -1.59 0.36
C ASN A 230 -24.17 -0.65 -0.80
N VAL A 231 -23.06 0.09 -0.70
CA VAL A 231 -22.63 0.98 -1.76
C VAL A 231 -22.37 0.20 -3.04
N ASP A 232 -21.74 -0.96 -2.89
CA ASP A 232 -21.47 -1.84 -4.02
C ASP A 232 -22.76 -2.39 -4.62
N ARG A 233 -23.74 -2.63 -3.76
CA ARG A 233 -25.04 -3.16 -4.19
C ARG A 233 -25.76 -2.15 -5.06
N ILE A 234 -25.80 -0.90 -4.61
CA ILE A 234 -26.44 0.18 -5.35
C ILE A 234 -25.77 0.34 -6.72
N TRP A 235 -24.45 0.23 -6.76
CA TRP A 235 -23.72 0.26 -8.01
C TRP A 235 -24.13 -0.88 -8.91
N ALA A 236 -24.24 -2.08 -8.33
CA ALA A 236 -24.62 -3.26 -9.09
C ALA A 236 -26.00 -3.10 -9.69
N VAL A 237 -26.91 -2.54 -8.91
CA VAL A 237 -28.28 -2.28 -9.36
C VAL A 237 -28.27 -1.28 -10.51
N TRP A 238 -27.44 -0.25 -10.38
CA TRP A 238 -27.32 0.76 -11.43
C TRP A 238 -26.83 0.16 -12.73
N GLN A 239 -25.92 -0.80 -12.64
CA GLN A 239 -25.37 -1.46 -13.82
C GLN A 239 -26.44 -2.30 -14.49
N ILE A 240 -27.32 -2.90 -13.70
CA ILE A 240 -28.40 -3.73 -14.21
C ILE A 240 -29.43 -2.89 -14.96
N ILE A 241 -29.68 -1.69 -14.46
CA ILE A 241 -30.62 -0.78 -15.10
C ILE A 241 -30.06 -0.26 -16.42
N HIS A 242 -28.84 0.26 -16.36
CA HIS A 242 -28.18 0.83 -17.53
C HIS A 242 -27.11 -0.10 -18.10
N ARG A 243 -27.55 -1.22 -18.68
CA ARG A 243 -26.64 -2.24 -19.21
C ARG A 243 -25.64 -1.81 -20.29
N ASN A 244 -25.96 -0.76 -21.05
CA ASN A 244 -25.07 -0.31 -22.11
C ASN A 244 -24.25 0.90 -21.69
N GLN A 245 -24.49 1.36 -20.46
CA GLN A 245 -23.65 2.41 -19.91
C GLN A 245 -22.49 1.72 -19.21
N ASN A 246 -21.28 2.12 -19.60
CA ASN A 246 -20.08 1.48 -19.09
C ASN A 246 -19.21 2.44 -18.29
N TYR A 247 -18.12 1.90 -17.76
CA TYR A 247 -17.20 2.66 -16.93
C TYR A 247 -16.54 3.79 -17.72
N GLN A 248 -16.42 4.95 -17.08
CA GLN A 248 -15.74 6.09 -17.68
C GLN A 248 -14.76 6.69 -16.68
N PRO A 249 -13.59 7.16 -17.15
CA PRO A 249 -13.22 7.17 -18.58
C PRO A 249 -12.63 5.86 -19.08
N MET A 250 -12.77 5.62 -20.37
CA MET A 250 -12.16 4.45 -21.00
C MET A 250 -10.70 4.74 -21.27
N LYS A 251 -10.38 6.04 -21.31
CA LYS A 251 -9.04 6.51 -21.62
C LYS A 251 -8.92 8.01 -21.41
N ASN A 252 -7.68 8.50 -21.47
CA ASN A 252 -7.36 9.92 -21.40
C ASN A 252 -7.60 10.55 -20.02
N GLY A 253 -8.07 9.75 -19.08
CA GLY A 253 -8.15 10.17 -17.69
C GLY A 253 -6.82 9.96 -16.98
N PRO A 254 -6.71 10.47 -15.73
CA PRO A 254 -5.51 10.29 -14.91
C PRO A 254 -5.14 8.82 -14.77
N PHE A 255 -3.85 8.51 -14.74
CA PHE A 255 -3.42 7.12 -14.65
C PHE A 255 -3.90 6.48 -13.36
N GLY A 256 -4.61 5.36 -13.49
CA GLY A 256 -5.17 4.67 -12.34
C GLY A 256 -6.66 4.94 -12.23
N GLN A 257 -7.18 5.68 -13.19
CA GLN A 257 -8.60 6.02 -13.22
C GLN A 257 -9.27 5.45 -14.46
N ASN A 258 -8.46 5.03 -15.42
CA ASN A 258 -8.97 4.50 -16.68
C ASN A 258 -9.47 3.07 -16.54
N PHE A 259 -10.20 2.61 -17.56
CA PHE A 259 -10.86 1.30 -17.52
C PHE A 259 -9.86 0.15 -17.37
N ARG A 260 -8.72 0.25 -18.04
CA ARG A 260 -7.72 -0.82 -18.00
C ARG A 260 -6.45 -0.44 -17.24
N ASP A 261 -6.56 0.53 -16.35
CA ASP A 261 -5.43 0.95 -15.54
C ASP A 261 -5.44 0.21 -14.20
N PRO A 262 -4.25 -0.18 -13.71
CA PRO A 262 -4.15 -0.87 -12.41
C PRO A 262 -4.53 0.05 -11.26
N MET A 263 -5.35 -0.46 -10.34
CA MET A 263 -5.78 0.32 -9.18
C MET A 263 -4.86 0.07 -8.00
N TYR A 264 -4.06 1.08 -7.65
CA TYR A 264 -3.19 1.04 -6.48
C TYR A 264 -4.01 0.70 -5.24
N PRO A 265 -3.46 -0.15 -4.35
CA PRO A 265 -2.14 -0.77 -4.39
C PRO A 265 -2.11 -2.15 -5.03
N TRP A 266 -3.10 -2.46 -5.86
CA TRP A 266 -3.14 -3.77 -6.52
C TRP A 266 -2.91 -3.63 -8.01
N ASN A 267 -2.86 -4.76 -8.70
CA ASN A 267 -2.76 -4.75 -10.15
C ASN A 267 -4.15 -4.88 -10.77
N THR A 268 -5.15 -5.00 -9.92
CA THR A 268 -6.54 -5.11 -10.35
C THR A 268 -7.00 -3.86 -11.09
N THR A 269 -7.65 -4.05 -12.23
CA THR A 269 -8.18 -2.96 -13.03
C THR A 269 -9.71 -2.92 -12.90
N PRO A 270 -10.32 -1.74 -13.11
CA PRO A 270 -11.78 -1.62 -13.11
C PRO A 270 -12.48 -2.61 -14.04
N GLU A 271 -11.82 -2.97 -15.14
CA GLU A 271 -12.35 -3.96 -16.07
C GLU A 271 -12.49 -5.32 -15.43
N ASP A 272 -11.53 -5.66 -14.57
CA ASP A 272 -11.50 -6.96 -13.91
C ASP A 272 -12.63 -7.11 -12.91
N VAL A 273 -13.25 -6.00 -12.53
CA VAL A 273 -14.32 -6.02 -11.53
C VAL A 273 -15.55 -5.23 -11.99
N MET A 274 -15.84 -5.27 -13.29
CA MET A 274 -16.99 -4.54 -13.80
C MET A 274 -18.26 -5.37 -13.63
N ASN A 275 -18.10 -6.69 -13.68
CA ASN A 275 -19.23 -7.59 -13.53
C ASN A 275 -19.12 -8.31 -12.19
N HIS A 276 -19.99 -7.95 -11.24
CA HIS A 276 -19.93 -8.50 -9.89
C HIS A 276 -20.32 -9.97 -9.85
N ARG A 277 -21.17 -10.38 -10.78
CA ARG A 277 -21.58 -11.78 -10.86
C ARG A 277 -20.41 -12.66 -11.25
N LYS A 278 -19.57 -12.16 -12.15
CA LYS A 278 -18.37 -12.87 -12.59
C LYS A 278 -17.33 -12.99 -11.48
N LEU A 279 -17.45 -12.12 -10.49
CA LEU A 279 -16.55 -12.14 -9.34
C LEU A 279 -16.92 -13.27 -8.38
N GLY A 280 -18.10 -13.85 -8.59
CA GLY A 280 -18.52 -15.01 -7.83
C GLY A 280 -19.49 -14.73 -6.70
N TYR A 281 -20.17 -13.59 -6.76
CA TYR A 281 -21.17 -13.25 -5.75
C TYR A 281 -22.36 -12.51 -6.35
N VAL A 282 -23.43 -12.45 -5.58
CA VAL A 282 -24.66 -11.81 -6.01
C VAL A 282 -25.37 -11.27 -4.76
N TYR A 283 -26.28 -10.32 -4.95
CA TYR A 283 -27.05 -9.78 -3.83
C TYR A 283 -28.43 -10.40 -3.78
N ASP A 284 -28.97 -10.53 -2.58
CA ASP A 284 -30.23 -11.25 -2.36
C ASP A 284 -31.42 -10.61 -3.07
N ILE A 285 -31.32 -9.32 -3.34
CA ILE A 285 -32.40 -8.58 -4.02
C ILE A 285 -32.48 -8.95 -5.50
N GLU A 286 -31.45 -9.62 -6.01
CA GLU A 286 -31.40 -10.03 -7.40
C GLU A 286 -32.11 -11.36 -7.63
N LEU A 287 -32.48 -12.02 -6.54
CA LEU A 287 -33.13 -13.32 -6.63
C LEU A 287 -34.63 -13.22 -6.30
N TYR B 2 18.41 -16.59 -16.48
CA TYR B 2 18.33 -16.25 -17.90
C TYR B 2 18.45 -14.74 -18.12
N ARG B 3 18.30 -13.99 -17.04
CA ARG B 3 18.38 -12.53 -17.12
C ARG B 3 19.51 -12.01 -16.23
N VAL B 4 20.65 -11.69 -16.83
CA VAL B 4 21.81 -11.25 -16.07
C VAL B 4 21.65 -9.84 -15.52
N ARG B 5 22.06 -9.66 -14.26
CA ARG B 5 22.05 -8.36 -13.60
C ARG B 5 23.50 -7.91 -13.42
N LYS B 6 23.92 -6.90 -14.17
CA LYS B 6 25.32 -6.50 -14.20
C LYS B 6 25.72 -5.41 -13.22
N ASN B 7 27.02 -5.14 -13.19
CA ASN B 7 27.60 -4.08 -12.39
C ASN B 7 27.53 -2.78 -13.20
N VAL B 8 27.29 -1.67 -12.52
CA VAL B 8 27.12 -0.39 -13.21
C VAL B 8 28.34 -0.03 -14.05
N LEU B 9 29.51 -0.34 -13.52
CA LEU B 9 30.77 -0.02 -14.19
C LEU B 9 31.01 -0.86 -15.45
N HIS B 10 30.36 -2.01 -15.52
CA HIS B 10 30.52 -2.91 -16.66
C HIS B 10 29.39 -2.78 -17.68
N LEU B 11 28.69 -1.65 -17.64
CA LEU B 11 27.61 -1.37 -18.56
C LEU B 11 28.11 -0.55 -19.76
N THR B 12 27.55 -0.83 -20.94
CA THR B 12 27.91 -0.09 -22.14
C THR B 12 27.21 1.26 -22.12
N ASP B 13 27.54 2.13 -23.07
CA ASP B 13 26.89 3.42 -23.16
C ASP B 13 25.43 3.25 -23.57
N THR B 14 25.17 2.22 -24.38
CA THR B 14 23.81 1.91 -24.81
C THR B 14 22.99 1.32 -23.67
N GLU B 15 23.62 0.45 -22.88
CA GLU B 15 22.96 -0.18 -21.74
C GLU B 15 22.61 0.85 -20.69
N LYS B 16 23.49 1.83 -20.52
CA LYS B 16 23.24 2.94 -19.61
C LYS B 16 22.10 3.79 -20.18
N ARG B 17 22.15 4.00 -21.48
CA ARG B 17 21.15 4.82 -22.18
C ARG B 17 19.77 4.17 -22.16
N ASP B 18 19.71 2.87 -22.45
CA ASP B 18 18.44 2.15 -22.48
C ASP B 18 17.79 2.04 -21.10
N PHE B 19 18.61 1.87 -20.07
CA PHE B 19 18.12 1.76 -18.72
C PHE B 19 17.47 3.07 -18.25
N VAL B 20 18.23 4.15 -18.37
CA VAL B 20 17.76 5.48 -17.98
C VAL B 20 16.48 5.84 -18.72
N ARG B 21 16.47 5.60 -20.03
CA ARG B 21 15.35 5.96 -20.88
C ARG B 21 14.09 5.19 -20.48
N THR B 22 14.27 3.93 -20.10
CA THR B 22 13.15 3.09 -19.70
C THR B 22 12.53 3.56 -18.38
N VAL B 23 13.37 4.04 -17.48
CA VAL B 23 12.91 4.54 -16.19
C VAL B 23 12.07 5.80 -16.37
N LEU B 24 12.49 6.65 -17.30
CA LEU B 24 11.78 7.90 -17.57
C LEU B 24 10.40 7.63 -18.19
N ILE B 25 10.29 6.52 -18.91
CA ILE B 25 9.02 6.11 -19.50
C ILE B 25 8.04 5.64 -18.42
N LEU B 26 8.54 4.80 -17.51
CA LEU B 26 7.72 4.34 -16.39
C LEU B 26 7.28 5.51 -15.52
N LYS B 27 8.15 6.50 -15.42
CA LYS B 27 7.84 7.71 -14.67
C LYS B 27 6.70 8.47 -15.34
N GLU B 28 6.77 8.57 -16.66
CA GLU B 28 5.77 9.29 -17.43
C GLU B 28 4.44 8.54 -17.45
N LYS B 29 4.51 7.21 -17.41
CA LYS B 29 3.32 6.37 -17.41
C LYS B 29 2.59 6.44 -16.08
N GLY B 30 3.33 6.73 -15.02
CA GLY B 30 2.76 6.82 -13.68
C GLY B 30 2.99 5.56 -12.87
N ILE B 31 3.75 4.63 -13.43
CA ILE B 31 4.04 3.37 -12.76
C ILE B 31 5.14 3.53 -11.70
N TYR B 32 6.10 4.41 -11.97
CA TYR B 32 7.20 4.64 -11.04
C TYR B 32 6.72 5.14 -9.69
N ASP B 33 5.69 5.97 -9.70
CA ASP B 33 5.15 6.53 -8.46
C ASP B 33 4.50 5.46 -7.58
N ARG B 34 4.05 4.38 -8.20
CA ARG B 34 3.46 3.27 -7.46
C ARG B 34 4.48 2.64 -6.52
N TYR B 35 5.72 2.56 -6.99
CA TYR B 35 6.81 1.98 -6.20
C TYR B 35 7.21 2.91 -5.06
N ILE B 36 7.22 4.20 -5.33
CA ILE B 36 7.48 5.19 -4.30
C ILE B 36 6.45 5.09 -3.18
N ALA B 37 5.19 4.92 -3.57
CA ALA B 37 4.08 4.81 -2.63
C ALA B 37 4.11 3.49 -1.87
N TRP B 38 4.34 2.40 -2.60
CA TRP B 38 4.45 1.08 -2.01
C TRP B 38 5.50 1.01 -0.91
N HIS B 39 6.65 1.63 -1.16
CA HIS B 39 7.76 1.62 -0.21
C HIS B 39 7.40 2.38 1.06
N GLY B 40 6.78 3.55 0.88
CA GLY B 40 6.36 4.37 2.00
C GLY B 40 5.22 3.74 2.79
N ALA B 41 4.32 3.06 2.08
CA ALA B 41 3.16 2.43 2.70
C ALA B 41 3.55 1.28 3.62
N ALA B 42 4.57 0.53 3.22
CA ALA B 42 5.05 -0.59 4.03
C ALA B 42 5.82 -0.09 5.25
N GLY B 43 6.39 1.10 5.13
CA GLY B 43 7.19 1.67 6.20
C GLY B 43 6.36 2.11 7.40
N LYS B 44 5.04 2.18 7.22
CA LYS B 44 4.15 2.55 8.31
C LYS B 44 3.23 1.40 8.68
N PHE B 45 3.50 0.23 8.10
CA PHE B 45 2.77 -0.98 8.45
C PHE B 45 3.56 -1.76 9.50
N HIS B 46 3.27 -1.49 10.77
CA HIS B 46 4.03 -2.08 11.87
C HIS B 46 3.56 -3.49 12.22
N THR B 47 4.53 -4.37 12.44
CA THR B 47 4.27 -5.78 12.71
C THR B 47 4.90 -6.22 14.03
N PRO B 48 4.14 -6.18 15.13
CA PRO B 48 2.75 -5.71 15.21
C PRO B 48 2.70 -4.22 15.56
N PRO B 49 1.50 -3.61 15.53
CA PRO B 49 1.39 -2.22 15.99
C PRO B 49 1.90 -2.05 17.42
N GLY B 50 2.77 -1.08 17.63
CA GLY B 50 3.36 -0.86 18.93
C GLY B 50 4.87 -1.05 18.89
N SER B 51 5.32 -2.00 18.07
CA SER B 51 6.75 -2.24 17.90
C SER B 51 7.33 -1.28 16.86
N ASP B 52 8.65 -1.28 16.74
CA ASP B 52 9.34 -0.42 15.78
C ASP B 52 9.58 -1.18 14.47
N ARG B 53 9.19 -2.44 14.46
CA ARG B 53 9.30 -3.29 13.27
C ARG B 53 8.22 -2.96 12.26
N ASN B 54 8.61 -2.76 11.00
CA ASN B 54 7.63 -2.56 9.94
C ASN B 54 7.83 -3.63 8.87
N ALA B 55 6.93 -3.64 7.89
CA ALA B 55 6.92 -4.71 6.89
C ALA B 55 8.17 -4.76 6.02
N ALA B 56 8.84 -3.61 5.85
CA ALA B 56 9.93 -3.54 4.89
C ALA B 56 11.29 -3.30 5.53
N HIS B 57 11.31 -2.84 6.77
CA HIS B 57 12.58 -2.47 7.41
C HIS B 57 12.62 -2.87 8.88
N MET B 58 13.81 -2.83 9.45
CA MET B 58 14.04 -3.06 10.88
C MET B 58 13.51 -4.41 11.36
N SER B 59 13.36 -5.35 10.42
CA SER B 59 12.90 -6.69 10.79
C SER B 59 13.37 -7.71 9.77
N SER B 60 13.04 -8.98 10.02
CA SER B 60 13.53 -10.07 9.19
C SER B 60 13.07 -10.01 7.73
N ALA B 61 11.94 -9.36 7.48
CA ALA B 61 11.40 -9.31 6.12
C ALA B 61 12.04 -8.23 5.29
N PHE B 62 13.09 -7.60 5.79
CA PHE B 62 13.76 -6.51 5.09
C PHE B 62 14.33 -6.96 3.75
N LEU B 63 14.97 -8.12 3.74
CA LEU B 63 15.61 -8.63 2.53
C LEU B 63 14.63 -9.21 1.50
N PRO B 64 13.69 -10.09 1.92
CA PRO B 64 12.79 -10.63 0.88
C PRO B 64 11.84 -9.58 0.30
N TRP B 65 11.46 -8.60 1.12
CA TRP B 65 10.56 -7.54 0.67
C TRP B 65 11.16 -6.78 -0.52
N HIS B 66 12.40 -6.33 -0.33
CA HIS B 66 13.08 -5.54 -1.36
C HIS B 66 13.43 -6.37 -2.58
N ARG B 67 13.60 -7.68 -2.38
CA ARG B 67 13.88 -8.58 -3.50
C ARG B 67 12.65 -8.68 -4.40
N GLU B 68 11.49 -8.84 -3.78
CA GLU B 68 10.23 -8.84 -4.52
C GLU B 68 9.96 -7.46 -5.10
N TYR B 69 10.31 -6.43 -4.33
CA TYR B 69 10.19 -5.04 -4.76
C TYR B 69 10.96 -4.77 -6.05
N LEU B 70 12.24 -5.11 -6.05
CA LEU B 70 13.08 -4.95 -7.23
C LEU B 70 12.64 -5.86 -8.36
N LEU B 71 12.14 -7.05 -8.02
CA LEU B 71 11.67 -8.00 -9.01
C LEU B 71 10.51 -7.42 -9.82
N ARG B 72 9.47 -6.98 -9.13
CA ARG B 72 8.33 -6.35 -9.78
C ARG B 72 8.75 -5.15 -10.62
N PHE B 73 9.68 -4.37 -10.08
CA PHE B 73 10.19 -3.20 -10.78
C PHE B 73 10.89 -3.61 -12.07
N GLU B 74 11.74 -4.61 -11.98
CA GLU B 74 12.46 -5.14 -13.13
C GLU B 74 11.49 -5.72 -14.16
N ARG B 75 10.38 -6.28 -13.67
CA ARG B 75 9.36 -6.83 -14.55
C ARG B 75 8.69 -5.72 -15.35
N ASP B 76 8.49 -4.57 -14.70
CA ASP B 76 7.88 -3.42 -15.36
C ASP B 76 8.85 -2.77 -16.34
N LEU B 77 10.15 -2.93 -16.08
CA LEU B 77 11.18 -2.44 -16.98
C LEU B 77 11.14 -3.20 -18.30
N GLN B 78 11.01 -4.52 -18.21
CA GLN B 78 11.05 -5.40 -19.35
C GLN B 78 9.75 -5.42 -20.15
N SER B 79 8.68 -4.91 -19.55
CA SER B 79 7.42 -4.73 -20.26
C SER B 79 7.59 -3.62 -21.30
N ILE B 80 8.59 -2.77 -21.07
CA ILE B 80 8.95 -1.72 -22.01
C ILE B 80 10.05 -2.20 -22.96
N ASN B 81 11.17 -2.64 -22.38
CA ASN B 81 12.28 -3.16 -23.16
C ASN B 81 12.76 -4.50 -22.62
N PRO B 82 12.47 -5.58 -23.35
CA PRO B 82 12.77 -6.96 -22.92
C PRO B 82 14.27 -7.24 -22.73
N GLU B 83 15.13 -6.28 -23.04
CA GLU B 83 16.56 -6.46 -22.89
C GLU B 83 17.09 -5.79 -21.64
N VAL B 84 16.35 -4.82 -21.13
CA VAL B 84 16.77 -4.06 -19.95
C VAL B 84 16.62 -4.84 -18.66
N THR B 85 17.70 -4.91 -17.89
CA THR B 85 17.68 -5.50 -16.56
C THR B 85 18.21 -4.50 -15.55
N LEU B 86 17.91 -4.72 -14.27
CA LEU B 86 18.32 -3.80 -13.22
C LEU B 86 19.77 -4.06 -12.79
N PRO B 87 20.65 -3.06 -13.01
CA PRO B 87 22.05 -3.20 -12.61
C PRO B 87 22.24 -2.97 -11.13
N TYR B 88 23.45 -3.21 -10.61
CA TYR B 88 23.72 -2.98 -9.20
C TYR B 88 24.92 -2.07 -9.01
N TRP B 89 24.89 -1.29 -7.94
CA TRP B 89 25.95 -0.36 -7.61
C TRP B 89 26.86 -0.91 -6.53
N GLU B 90 28.05 -1.35 -6.93
CA GLU B 90 29.01 -1.89 -5.98
C GLU B 90 29.67 -0.76 -5.20
N TRP B 91 28.96 -0.21 -4.22
CA TRP B 91 29.45 0.91 -3.43
C TRP B 91 30.64 0.57 -2.53
N GLU B 92 30.90 -0.73 -2.32
CA GLU B 92 32.01 -1.13 -1.47
C GLU B 92 33.34 -0.89 -2.19
N THR B 93 33.29 -0.96 -3.52
CA THR B 93 34.48 -0.71 -4.34
C THR B 93 34.70 0.79 -4.58
N ASP B 94 33.60 1.53 -4.62
CA ASP B 94 33.66 2.99 -4.77
C ASP B 94 34.33 3.65 -3.58
N ALA B 95 34.26 2.99 -2.43
CA ALA B 95 34.89 3.48 -1.20
C ALA B 95 36.40 3.58 -1.33
N GLN B 96 36.97 2.84 -2.29
CA GLN B 96 38.41 2.85 -2.51
C GLN B 96 38.89 4.21 -2.99
N MET B 97 38.04 4.91 -3.75
CA MET B 97 38.36 6.25 -4.23
C MET B 97 38.48 7.23 -3.07
N GLN B 98 39.24 8.30 -3.26
CA GLN B 98 39.32 9.35 -2.24
C GLN B 98 37.98 10.07 -2.17
N ASP B 99 37.40 10.34 -3.35
CA ASP B 99 36.11 11.00 -3.45
C ASP B 99 35.23 10.24 -4.44
N PRO B 100 34.30 9.43 -3.93
CA PRO B 100 33.40 8.55 -4.69
C PRO B 100 32.49 9.30 -5.66
N SER B 101 32.30 10.60 -5.45
CA SER B 101 31.41 11.39 -6.30
C SER B 101 31.89 11.49 -7.75
N GLN B 102 33.16 11.16 -8.00
CA GLN B 102 33.70 11.22 -9.36
C GLN B 102 33.57 9.88 -10.07
N SER B 103 32.88 8.93 -9.44
CA SER B 103 32.64 7.62 -10.04
C SER B 103 31.78 7.75 -11.29
N GLN B 104 31.90 6.79 -12.20
CA GLN B 104 31.17 6.84 -13.47
C GLN B 104 29.67 6.64 -13.30
N ILE B 105 29.25 6.20 -12.12
CA ILE B 105 27.83 6.03 -11.85
C ILE B 105 27.20 7.41 -11.65
N TRP B 106 28.03 8.38 -11.32
CA TRP B 106 27.56 9.74 -11.05
C TRP B 106 27.81 10.66 -12.25
N SER B 107 27.84 10.07 -13.44
CA SER B 107 28.05 10.85 -14.65
C SER B 107 26.72 11.38 -15.17
N ALA B 108 26.79 12.40 -16.02
CA ALA B 108 25.59 13.09 -16.50
C ALA B 108 24.73 12.21 -17.40
N ASP B 109 25.29 11.11 -17.90
CA ASP B 109 24.54 10.24 -18.80
C ASP B 109 23.87 9.08 -18.06
N PHE B 110 24.01 9.05 -16.74
CA PHE B 110 23.43 7.98 -15.95
C PHE B 110 22.55 8.48 -14.80
N MET B 111 23.16 8.76 -13.66
CA MET B 111 22.38 9.14 -12.49
C MET B 111 22.58 10.61 -12.11
N GLY B 112 23.49 11.27 -12.80
CA GLY B 112 23.84 12.64 -12.49
C GLY B 112 24.77 12.69 -11.28
N GLY B 113 25.22 13.88 -10.93
CA GLY B 113 26.21 14.01 -9.87
C GLY B 113 25.62 14.40 -8.53
N ASN B 114 26.45 14.97 -7.67
CA ASN B 114 26.03 15.39 -6.34
C ASN B 114 25.15 16.61 -6.43
N GLY B 115 24.59 17.03 -5.30
CA GLY B 115 23.74 18.20 -5.28
C GLY B 115 24.56 19.47 -5.37
N ASN B 116 23.90 20.56 -5.74
CA ASN B 116 24.55 21.86 -5.84
C ASN B 116 24.33 22.70 -4.59
N PRO B 117 25.37 22.87 -3.76
CA PRO B 117 25.32 23.63 -2.51
C PRO B 117 24.77 25.05 -2.72
N ILE B 118 24.97 25.58 -3.91
CA ILE B 118 24.45 26.89 -4.28
C ILE B 118 22.92 26.82 -4.38
N LYS B 119 22.41 25.70 -4.87
CA LYS B 119 20.99 25.53 -5.08
C LYS B 119 20.36 24.54 -4.12
N ASP B 120 20.64 24.71 -2.83
CA ASP B 120 20.09 23.87 -1.77
C ASP B 120 20.28 22.38 -2.03
N PHE B 121 21.42 22.04 -2.64
CA PHE B 121 21.79 20.66 -2.93
C PHE B 121 20.79 19.97 -3.86
N ILE B 122 20.09 20.76 -4.66
CA ILE B 122 19.23 20.22 -5.71
C ILE B 122 20.09 19.68 -6.84
N VAL B 123 19.81 18.45 -7.27
CA VAL B 123 20.56 17.86 -8.37
C VAL B 123 20.28 18.61 -9.66
N ASP B 124 21.33 19.16 -10.27
CA ASP B 124 21.19 19.96 -11.48
C ASP B 124 21.92 19.34 -12.65
N THR B 125 22.38 18.10 -12.47
CA THR B 125 23.09 17.38 -13.51
C THR B 125 22.46 16.02 -13.75
N GLY B 126 22.58 15.52 -14.98
CA GLY B 126 22.05 14.22 -15.33
C GLY B 126 20.60 14.27 -15.81
N PRO B 127 20.01 13.09 -16.07
CA PRO B 127 18.65 12.98 -16.57
C PRO B 127 17.59 13.09 -15.47
N PHE B 128 18.03 13.10 -14.23
CA PHE B 128 17.12 13.18 -13.10
C PHE B 128 17.30 14.47 -12.32
N ALA B 129 17.60 15.55 -13.04
CA ALA B 129 17.76 16.86 -12.43
C ALA B 129 16.42 17.57 -12.32
N ALA B 130 16.36 18.65 -11.56
CA ALA B 130 15.14 19.43 -11.41
C ALA B 130 14.70 20.01 -12.75
N GLY B 131 13.46 19.76 -13.13
CA GLY B 131 12.94 20.22 -14.41
C GLY B 131 12.79 19.09 -15.42
N ARG B 132 13.50 17.99 -15.17
CA ARG B 132 13.40 16.81 -16.03
C ARG B 132 12.88 15.63 -15.22
N TRP B 133 12.69 15.86 -13.93
CA TRP B 133 12.31 14.80 -13.00
C TRP B 133 11.53 15.37 -11.81
N THR B 134 10.27 14.97 -11.69
CA THR B 134 9.44 15.45 -10.61
C THR B 134 9.42 14.45 -9.47
N THR B 135 9.53 14.96 -8.25
CA THR B 135 9.52 14.12 -7.07
C THR B 135 8.32 14.44 -6.18
N ILE B 136 7.93 13.50 -5.34
CA ILE B 136 6.82 13.70 -4.41
C ILE B 136 7.31 13.57 -2.98
N ASP B 137 6.52 14.05 -2.03
CA ASP B 137 6.91 13.99 -0.62
C ASP B 137 6.25 12.81 0.09
N GLU B 138 6.20 12.89 1.41
CA GLU B 138 5.62 11.83 2.23
C GLU B 138 4.12 11.68 1.99
N GLN B 139 3.43 12.81 1.89
CA GLN B 139 1.98 12.81 1.75
C GLN B 139 1.54 12.55 0.31
N GLY B 140 2.50 12.40 -0.59
CA GLY B 140 2.21 12.14 -1.99
C GLY B 140 2.08 13.41 -2.81
N ASN B 141 2.49 14.53 -2.24
CA ASN B 141 2.44 15.82 -2.92
C ASN B 141 3.81 16.18 -3.50
N PRO B 142 3.84 16.98 -4.57
CA PRO B 142 5.09 17.43 -5.20
C PRO B 142 6.05 18.06 -4.19
N SER B 143 7.34 17.81 -4.38
CA SER B 143 8.35 18.26 -3.42
C SER B 143 9.31 19.31 -3.99
N GLY B 144 9.46 19.31 -5.31
CA GLY B 144 10.22 20.36 -5.96
C GLY B 144 11.64 20.04 -6.37
N GLY B 145 11.92 18.76 -6.64
CA GLY B 145 13.21 18.37 -7.19
C GLY B 145 13.98 17.34 -6.37
N LEU B 146 14.95 16.69 -7.02
CA LEU B 146 15.76 15.67 -6.37
C LEU B 146 16.96 16.28 -5.66
N LYS B 147 17.28 15.75 -4.49
CA LYS B 147 18.41 16.26 -3.70
C LYS B 147 19.46 15.17 -3.44
N ARG B 148 20.70 15.60 -3.28
CA ARG B 148 21.81 14.70 -3.02
C ARG B 148 22.93 15.43 -2.30
N ASN B 149 23.42 14.85 -1.20
CA ASN B 149 24.48 15.47 -0.42
C ASN B 149 25.46 14.43 0.09
N PHE B 150 26.44 14.09 -0.75
CA PHE B 150 27.35 12.99 -0.46
C PHE B 150 28.25 13.26 0.76
N GLY B 151 28.18 12.36 1.73
CA GLY B 151 29.03 12.40 2.90
C GLY B 151 28.99 13.67 3.72
N ALA B 152 27.80 14.24 3.86
CA ALA B 152 27.65 15.47 4.63
C ALA B 152 27.11 15.21 6.03
N THR B 153 27.11 13.94 6.41
CA THR B 153 26.60 13.54 7.72
C THR B 153 27.72 13.02 8.61
N LYS B 154 27.59 13.29 9.90
CA LYS B 154 28.60 12.87 10.87
C LYS B 154 28.62 11.36 11.03
N GLU B 155 27.43 10.76 11.10
CA GLU B 155 27.30 9.32 11.28
C GLU B 155 27.64 8.51 10.03
N ALA B 156 27.69 9.18 8.89
CA ALA B 156 28.00 8.49 7.63
C ALA B 156 28.76 9.39 6.64
N PRO B 157 29.99 9.78 6.99
CA PRO B 157 30.75 10.63 6.08
C PRO B 157 31.41 9.84 4.96
N THR B 158 31.47 8.52 5.12
CA THR B 158 32.11 7.64 4.14
C THR B 158 31.23 6.44 3.83
N LEU B 159 31.47 5.84 2.67
CA LEU B 159 30.78 4.62 2.29
C LEU B 159 31.37 3.44 3.05
N PRO B 160 30.59 2.36 3.23
CA PRO B 160 31.15 1.17 3.87
C PRO B 160 32.23 0.54 3.00
N THR B 161 33.12 -0.23 3.61
CA THR B 161 34.24 -0.78 2.86
C THR B 161 33.99 -2.23 2.46
N ARG B 162 34.90 -2.77 1.65
CA ARG B 162 34.79 -4.15 1.19
C ARG B 162 34.90 -5.11 2.37
N ASP B 163 35.70 -4.72 3.36
CA ASP B 163 35.89 -5.53 4.57
C ASP B 163 34.60 -5.63 5.37
N ASP B 164 33.80 -4.57 5.32
CA ASP B 164 32.50 -4.55 5.99
C ASP B 164 31.56 -5.59 5.41
N VAL B 165 31.61 -5.75 4.09
CA VAL B 165 30.77 -6.72 3.39
C VAL B 165 31.16 -8.16 3.73
N LEU B 166 32.46 -8.41 3.74
CA LEU B 166 32.98 -9.74 4.03
C LEU B 166 32.70 -10.17 5.47
N ASN B 167 32.83 -9.22 6.40
CA ASN B 167 32.60 -9.51 7.81
C ASN B 167 31.13 -9.84 8.06
N ALA B 168 30.26 -9.34 7.18
CA ALA B 168 28.83 -9.61 7.26
C ALA B 168 28.51 -11.00 6.72
N LEU B 169 29.29 -11.44 5.73
CA LEU B 169 29.07 -12.73 5.10
C LEU B 169 29.57 -13.87 5.99
N LYS B 170 30.32 -13.52 7.03
CA LYS B 170 30.86 -14.50 7.96
C LYS B 170 29.83 -14.90 9.03
N ILE B 171 28.70 -14.20 9.06
CA ILE B 171 27.66 -14.47 10.04
C ILE B 171 26.92 -15.77 9.72
N THR B 172 26.63 -16.56 10.75
CA THR B 172 26.02 -17.88 10.56
C THR B 172 24.50 -17.83 10.46
N GLN B 173 23.85 -17.18 11.42
CA GLN B 173 22.40 -17.05 11.40
C GLN B 173 21.93 -15.94 10.47
N TYR B 174 20.83 -16.19 9.78
CA TYR B 174 20.21 -15.17 8.93
C TYR B 174 19.71 -14.01 9.78
N ASP B 175 19.00 -14.35 10.85
CA ASP B 175 18.50 -13.35 11.78
C ASP B 175 18.24 -14.00 13.14
N THR B 176 18.07 -13.18 14.16
CA THR B 176 17.85 -13.67 15.52
C THR B 176 16.76 -12.86 16.21
N PRO B 177 16.05 -13.47 17.18
CA PRO B 177 15.03 -12.73 17.93
C PRO B 177 15.61 -11.57 18.72
N PRO B 178 14.83 -10.50 18.95
CA PRO B 178 13.43 -10.35 18.54
C PRO B 178 13.21 -9.80 17.13
N TRP B 179 13.98 -10.31 16.17
CA TRP B 179 13.86 -9.95 14.75
C TRP B 179 13.72 -8.46 14.50
N ASP B 180 14.60 -7.66 15.09
CA ASP B 180 14.49 -6.22 14.92
C ASP B 180 15.83 -5.51 14.88
N MET B 181 15.77 -4.23 15.25
CA MET B 181 16.91 -3.33 15.24
C MET B 181 17.98 -3.75 16.27
N THR B 182 17.57 -4.53 17.25
CA THR B 182 18.46 -4.94 18.34
C THR B 182 18.97 -6.38 18.20
N SER B 183 18.69 -7.01 17.06
CA SER B 183 19.13 -8.38 16.82
C SER B 183 20.66 -8.45 16.76
N GLN B 184 21.23 -9.38 17.51
CA GLN B 184 22.68 -9.58 17.51
C GLN B 184 23.07 -10.84 16.77
N ASN B 185 24.28 -10.87 16.23
CA ASN B 185 24.77 -11.99 15.42
C ASN B 185 23.80 -12.35 14.31
N SER B 186 23.34 -11.33 13.60
CA SER B 186 22.33 -11.50 12.56
C SER B 186 22.80 -10.90 11.24
N PHE B 187 22.85 -11.73 10.20
CA PHE B 187 23.24 -11.25 8.87
C PHE B 187 22.24 -10.23 8.35
N ARG B 188 20.96 -10.46 8.62
CA ARG B 188 19.91 -9.53 8.22
C ARG B 188 20.16 -8.17 8.85
N ASN B 189 20.31 -8.16 10.17
CA ASN B 189 20.51 -6.92 10.91
C ASN B 189 21.86 -6.30 10.58
N GLN B 190 22.82 -7.12 10.30
CA GLN B 190 24.12 -6.65 9.97
C GLN B 190 24.18 -6.02 8.58
N LEU B 191 23.59 -6.63 7.58
CA LEU B 191 23.54 -6.11 6.23
C LEU B 191 22.66 -4.86 6.14
N GLU B 192 21.58 -4.84 6.93
CA GLU B 192 20.70 -3.67 6.98
C GLU B 192 21.51 -2.50 7.51
N GLY B 193 22.10 -2.65 8.69
CA GLY B 193 23.05 -1.67 9.19
C GLY B 193 22.80 -1.08 10.56
N PHE B 194 22.18 -1.86 11.44
CA PHE B 194 21.90 -1.39 12.80
C PHE B 194 22.93 -1.87 13.82
N ILE B 195 23.83 -2.74 13.38
CA ILE B 195 24.91 -3.22 14.24
C ILE B 195 25.86 -2.03 14.31
N ASN B 196 25.97 -1.43 15.49
CA ASN B 196 26.80 -0.23 15.67
C ASN B 196 26.61 0.70 14.47
N GLY B 197 25.33 0.93 14.15
CA GLY B 197 24.94 1.77 13.04
C GLY B 197 25.49 3.19 13.00
N PRO B 198 25.43 3.86 11.85
CA PRO B 198 24.85 3.25 10.64
C PRO B 198 25.94 2.52 9.86
N GLN B 199 25.61 1.42 9.22
CA GLN B 199 26.57 0.71 8.44
C GLN B 199 25.94 0.10 7.23
N LEU B 200 26.74 -0.20 6.25
CA LEU B 200 26.35 -0.93 5.04
C LEU B 200 25.15 -0.25 4.38
N HIS B 201 24.07 -1.01 4.19
CA HIS B 201 22.84 -0.52 3.57
C HIS B 201 22.36 0.80 4.17
N ASN B 202 22.28 0.86 5.49
CA ASN B 202 21.83 2.06 6.18
C ASN B 202 22.80 3.24 6.00
N ARG B 203 24.10 2.93 5.97
CA ARG B 203 25.12 3.95 5.82
C ARG B 203 25.09 4.57 4.43
N VAL B 204 24.83 3.74 3.43
CA VAL B 204 24.74 4.21 2.05
C VAL B 204 23.62 5.24 1.88
N HIS B 205 22.48 4.97 2.49
CA HIS B 205 21.34 5.89 2.45
C HIS B 205 21.71 7.26 3.01
N ARG B 206 22.26 7.26 4.22
CA ARG B 206 22.65 8.50 4.89
C ARG B 206 23.76 9.20 4.12
N TRP B 207 24.61 8.41 3.46
CA TRP B 207 25.72 8.97 2.69
C TRP B 207 25.22 9.77 1.48
N VAL B 208 24.33 9.18 0.72
CA VAL B 208 23.78 9.83 -0.48
C VAL B 208 23.04 11.10 -0.10
N GLY B 209 22.29 11.05 0.99
CA GLY B 209 21.55 12.20 1.47
C GLY B 209 20.34 12.50 0.62
N GLY B 210 19.75 13.67 0.82
CA GLY B 210 18.54 14.05 0.10
C GLY B 210 17.39 13.12 0.42
N GLN B 211 16.64 12.74 -0.61
CA GLN B 211 15.49 11.84 -0.43
C GLN B 211 15.93 10.47 0.06
N MET B 212 17.16 10.08 -0.27
CA MET B 212 17.70 8.79 0.13
C MET B 212 17.97 8.74 1.63
N GLY B 213 17.89 9.89 2.29
CA GLY B 213 18.21 9.97 3.71
C GLY B 213 17.11 9.50 4.64
N VAL B 214 15.87 9.50 4.15
CA VAL B 214 14.75 9.03 4.96
C VAL B 214 13.98 7.93 4.22
N VAL B 215 13.30 7.09 4.99
CA VAL B 215 12.60 5.92 4.44
C VAL B 215 11.45 6.25 3.46
N PRO B 216 10.51 7.13 3.84
CA PRO B 216 9.33 7.25 2.98
C PRO B 216 9.60 7.86 1.59
N THR B 217 10.68 8.63 1.45
CA THR B 217 10.94 9.32 0.19
C THR B 217 12.14 8.76 -0.59
N ALA B 218 12.79 7.75 -0.03
CA ALA B 218 14.00 7.17 -0.63
C ALA B 218 13.88 6.75 -2.11
N PRO B 219 12.77 6.11 -2.51
CA PRO B 219 12.70 5.72 -3.93
C PRO B 219 12.58 6.87 -4.93
N ASN B 220 12.54 8.12 -4.46
CA ASN B 220 12.49 9.26 -5.37
C ASN B 220 13.76 9.36 -6.20
N ASP B 221 14.86 8.84 -5.63
CA ASP B 221 16.13 8.81 -6.31
C ASP B 221 16.33 7.43 -6.96
N PRO B 222 16.43 7.40 -8.30
CA PRO B 222 16.58 6.15 -9.06
C PRO B 222 17.79 5.32 -8.65
N VAL B 223 18.71 5.91 -7.89
CA VAL B 223 19.88 5.18 -7.40
C VAL B 223 19.47 4.21 -6.30
N PHE B 224 18.27 4.40 -5.77
CA PHE B 224 17.71 3.54 -4.74
C PHE B 224 17.63 2.09 -5.21
N PHE B 225 17.32 1.91 -6.49
CA PHE B 225 17.12 0.57 -7.04
C PHE B 225 18.45 -0.13 -7.35
N LEU B 226 19.46 0.65 -7.74
CA LEU B 226 20.77 0.08 -8.01
C LEU B 226 21.48 -0.23 -6.69
N HIS B 227 21.13 0.52 -5.65
CA HIS B 227 21.71 0.32 -4.33
C HIS B 227 21.20 -0.98 -3.72
N HIS B 228 19.89 -1.19 -3.78
CA HIS B 228 19.29 -2.40 -3.24
C HIS B 228 19.57 -3.62 -4.10
N ALA B 229 19.88 -3.40 -5.37
CA ALA B 229 20.29 -4.48 -6.25
C ALA B 229 21.62 -5.04 -5.77
N ASN B 230 22.44 -4.17 -5.18
CA ASN B 230 23.70 -4.59 -4.57
C ASN B 230 23.42 -5.28 -3.24
N VAL B 231 22.45 -4.75 -2.50
CA VAL B 231 22.01 -5.36 -1.24
C VAL B 231 21.47 -6.77 -1.51
N ASP B 232 20.71 -6.91 -2.59
CA ASP B 232 20.15 -8.19 -2.98
C ASP B 232 21.27 -9.17 -3.38
N ARG B 233 22.33 -8.63 -3.97
CA ARG B 233 23.48 -9.43 -4.38
C ARG B 233 24.22 -10.02 -3.17
N ILE B 234 24.49 -9.18 -2.19
CA ILE B 234 25.19 -9.61 -0.97
C ILE B 234 24.41 -10.71 -0.26
N TRP B 235 23.09 -10.57 -0.22
CA TRP B 235 22.22 -11.60 0.34
C TRP B 235 22.33 -12.89 -0.48
N ALA B 236 22.32 -12.76 -1.80
CA ALA B 236 22.41 -13.91 -2.69
C ALA B 236 23.73 -14.67 -2.48
N VAL B 237 24.81 -13.90 -2.34
CA VAL B 237 26.13 -14.49 -2.11
C VAL B 237 26.15 -15.22 -0.77
N TRP B 238 25.52 -14.63 0.24
CA TRP B 238 25.45 -15.22 1.57
C TRP B 238 24.72 -16.57 1.53
N GLN B 239 23.69 -16.65 0.70
CA GLN B 239 22.93 -17.89 0.56
C GLN B 239 23.79 -18.97 -0.11
N ILE B 240 24.63 -18.54 -1.05
CA ILE B 240 25.53 -19.45 -1.75
C ILE B 240 26.62 -19.96 -0.80
N ILE B 241 27.08 -19.10 0.09
CA ILE B 241 28.07 -19.50 1.09
C ILE B 241 27.45 -20.42 2.13
N HIS B 242 26.32 -19.99 2.69
CA HIS B 242 25.64 -20.76 3.73
C HIS B 242 24.45 -21.51 3.15
N ARG B 243 24.76 -22.55 2.35
CA ARG B 243 23.76 -23.33 1.63
C ARG B 243 22.82 -24.05 2.59
N ASN B 244 23.30 -24.29 3.81
CA ASN B 244 22.54 -25.04 4.80
C ASN B 244 21.77 -24.12 5.75
N GLN B 245 21.98 -22.82 5.62
CA GLN B 245 21.24 -21.82 6.38
C GLN B 245 20.02 -21.27 5.63
N ASN B 246 18.87 -21.26 6.30
CA ASN B 246 17.63 -20.78 5.67
C ASN B 246 17.09 -19.51 6.34
N TYR B 247 15.98 -19.00 5.81
CA TYR B 247 15.35 -17.78 6.30
C TYR B 247 14.84 -17.95 7.73
N GLN B 248 15.02 -16.92 8.55
CA GLN B 248 14.49 -16.91 9.91
C GLN B 248 13.75 -15.60 10.18
N PRO B 249 12.62 -15.67 10.92
CA PRO B 249 12.03 -16.87 11.52
C PRO B 249 11.17 -17.67 10.55
N MET B 250 11.02 -18.97 10.81
CA MET B 250 10.18 -19.79 9.97
C MET B 250 8.72 -19.59 10.38
N LYS B 251 8.53 -19.18 11.63
CA LYS B 251 7.20 -18.91 12.16
C LYS B 251 7.28 -18.38 13.60
N ASN B 252 6.13 -17.94 14.12
CA ASN B 252 5.98 -17.47 15.49
C ASN B 252 6.65 -16.13 15.76
N GLY B 253 7.25 -15.56 14.72
CA GLY B 253 7.71 -14.19 14.77
C GLY B 253 6.47 -13.36 14.47
N PRO B 254 6.59 -12.02 14.58
CA PRO B 254 5.45 -11.15 14.26
C PRO B 254 4.87 -11.44 12.88
N PHE B 255 3.55 -11.34 12.74
CA PHE B 255 2.91 -11.64 11.47
C PHE B 255 3.39 -10.73 10.36
N GLY B 256 3.89 -11.33 9.28
CA GLY B 256 4.45 -10.58 8.17
C GLY B 256 5.96 -10.61 8.17
N GLN B 257 6.53 -11.35 9.10
CA GLN B 257 7.98 -11.49 9.20
C GLN B 257 8.41 -12.94 9.02
N ASN B 258 7.44 -13.84 9.14
CA ASN B 258 7.71 -15.27 9.05
C ASN B 258 7.85 -15.76 7.61
N PHE B 259 8.37 -16.98 7.46
CA PHE B 259 8.71 -17.54 6.16
C PHE B 259 7.52 -17.68 5.19
N ARG B 260 6.36 -18.05 5.72
CA ARG B 260 5.19 -18.27 4.89
C ARG B 260 4.13 -17.20 5.11
N ASP B 261 4.55 -16.04 5.61
CA ASP B 261 3.64 -14.92 5.83
C ASP B 261 3.62 -13.98 4.64
N PRO B 262 2.44 -13.46 4.29
CA PRO B 262 2.33 -12.48 3.20
C PRO B 262 3.03 -11.18 3.57
N MET B 263 3.83 -10.65 2.66
CA MET B 263 4.54 -9.40 2.89
C MET B 263 3.74 -8.21 2.37
N TYR B 264 3.20 -7.41 3.29
CA TYR B 264 2.50 -6.18 2.95
C TYR B 264 3.40 -5.28 2.08
N PRO B 265 2.83 -4.68 1.03
CA PRO B 265 1.41 -4.72 0.66
C PRO B 265 1.04 -5.80 -0.36
N TRP B 266 1.83 -6.86 -0.45
CA TRP B 266 1.55 -7.95 -1.38
C TRP B 266 1.16 -9.23 -0.66
N ASN B 267 0.81 -10.25 -1.44
CA ASN B 267 0.55 -11.58 -0.89
C ASN B 267 1.80 -12.44 -0.97
N THR B 268 2.87 -11.88 -1.52
CA THR B 268 4.14 -12.57 -1.66
C THR B 268 4.75 -12.90 -0.30
N THR B 269 5.21 -14.14 -0.15
CA THR B 269 5.86 -14.59 1.08
C THR B 269 7.36 -14.72 0.85
N PRO B 270 8.17 -14.61 1.91
CA PRO B 270 9.62 -14.82 1.80
C PRO B 270 9.99 -16.14 1.12
N GLU B 271 9.14 -17.15 1.27
CA GLU B 271 9.37 -18.43 0.61
C GLU B 271 9.31 -18.29 -0.91
N ASP B 272 8.40 -17.44 -1.39
CA ASP B 272 8.20 -17.25 -2.81
C ASP B 272 9.38 -16.54 -3.47
N VAL B 273 10.24 -15.92 -2.66
CA VAL B 273 11.38 -15.18 -3.19
C VAL B 273 12.68 -15.52 -2.47
N MET B 274 12.84 -16.78 -2.07
CA MET B 274 14.05 -17.18 -1.36
C MET B 274 15.18 -17.52 -2.33
N ASN B 275 14.82 -18.01 -3.52
CA ASN B 275 15.80 -18.36 -4.53
C ASN B 275 15.72 -17.39 -5.70
N HIS B 276 16.75 -16.55 -5.86
CA HIS B 276 16.75 -15.54 -6.90
C HIS B 276 16.83 -16.16 -8.29
N ARG B 277 17.45 -17.33 -8.39
CA ARG B 277 17.49 -18.07 -9.65
C ARG B 277 16.09 -18.53 -10.04
N LYS B 278 15.30 -18.92 -9.04
CA LYS B 278 13.93 -19.36 -9.27
C LYS B 278 13.07 -18.19 -9.76
N LEU B 279 13.51 -16.97 -9.44
CA LEU B 279 12.80 -15.76 -9.84
C LEU B 279 13.05 -15.39 -11.30
N GLY B 280 14.07 -16.00 -11.90
CA GLY B 280 14.35 -15.82 -13.31
C GLY B 280 15.45 -14.83 -13.62
N TYR B 281 16.32 -14.57 -12.63
CA TYR B 281 17.45 -13.68 -12.87
C TYR B 281 18.69 -14.13 -12.09
N VAL B 282 19.85 -13.60 -12.48
CA VAL B 282 21.11 -13.97 -11.86
C VAL B 282 22.08 -12.79 -11.94
N TYR B 283 23.11 -12.79 -11.10
CA TYR B 283 24.12 -11.73 -11.14
C TYR B 283 25.36 -12.18 -11.90
N ASP B 284 26.02 -11.23 -12.55
CA ASP B 284 27.14 -11.52 -13.44
C ASP B 284 28.33 -12.15 -12.73
N ILE B 285 28.44 -11.94 -11.42
CA ILE B 285 29.55 -12.48 -10.64
C ILE B 285 29.41 -14.00 -10.46
N GLU B 286 28.22 -14.52 -10.68
CA GLU B 286 27.95 -15.96 -10.56
C GLU B 286 28.34 -16.71 -11.83
N LEU B 287 28.69 -15.96 -12.87
CA LEU B 287 29.06 -16.55 -14.15
C LEU B 287 30.56 -16.50 -14.38
#